data_9CUN
#
_entry.id   9CUN
#
_cell.length_a   37.353
_cell.length_b   103.960
_cell.length_c   130.143
_cell.angle_alpha   90.000
_cell.angle_beta   90.000
_cell.angle_gamma   90.000
#
_symmetry.space_group_name_H-M   'I 21 21 21'
#
loop_
_entity.id
_entity.type
_entity.pdbx_description
1 polymer 'N-acetylmuramoyl-L-alanine amidase Rv3717'
2 non-polymer 5-(2-iodophenyl)-2H-tetrazole
3 non-polymer 'ZINC ION'
4 water water
#
_entity_poly.entity_id   1
_entity_poly.type   'polypeptide(L)'
_entity_poly.pdbx_seq_one_letter_code
;SAGMVVFIDPGHNGANDASIGRQVPTGRGGTKNCQASGTSTNSGYPEHTFTWETGLRLRAALNALGVRTALSRGNDNALG
PCVDERANMANALRPNAIVSLHADGGPASGRGFHVNYSAPPLNAIQAGPSVQFARIMRDQLQASGIPKANYIGQDGLYGR
SDLAGLNLAQYPSILVELGNMKNPADSALMESAEGRQKYANALVRGVAGFLATQGQAR
;
_entity_poly.pdbx_strand_id   A
#
# COMPACT_ATOMS: atom_id res chain seq x y z
N GLY A 3 6.74 -5.25 -21.81
CA GLY A 3 7.12 -4.18 -20.90
C GLY A 3 6.70 -4.44 -19.47
N MET A 4 6.91 -3.44 -18.61
CA MET A 4 6.63 -3.57 -17.19
C MET A 4 5.13 -3.41 -16.91
N VAL A 5 4.66 -4.14 -15.90
CA VAL A 5 3.27 -4.12 -15.47
C VAL A 5 3.25 -4.03 -13.94
N VAL A 6 2.43 -3.12 -13.42
CA VAL A 6 2.37 -2.87 -11.98
C VAL A 6 0.93 -2.94 -11.52
N PHE A 7 0.67 -3.71 -10.46
CA PHE A 7 -0.63 -3.77 -9.83
C PHE A 7 -0.66 -2.79 -8.65
N ILE A 8 -1.61 -1.87 -8.68
CA ILE A 8 -1.77 -0.86 -7.62
C ILE A 8 -3.02 -1.20 -6.82
N ASP A 9 -2.86 -1.34 -5.51
CA ASP A 9 -3.99 -1.62 -4.63
C ASP A 9 -4.26 -0.41 -3.75
N PRO A 10 -5.20 0.47 -4.11
CA PRO A 10 -5.62 1.51 -3.16
C PRO A 10 -6.39 0.84 -2.02
N GLY A 11 -5.81 0.85 -0.83
CA GLY A 11 -6.35 0.07 0.27
C GLY A 11 -7.79 0.46 0.61
N HIS A 12 -8.53 -0.54 1.07
CA HIS A 12 -9.90 -0.43 1.58
C HIS A 12 -10.90 -0.28 0.46
N ASN A 13 -12.18 -0.16 0.83
CA ASN A 13 -13.27 -0.14 -0.13
C ASN A 13 -13.80 1.27 -0.29
N GLY A 14 -14.42 1.52 -1.46
CA GLY A 14 -15.17 2.76 -1.63
C GLY A 14 -16.36 2.86 -0.69
N ALA A 15 -16.95 1.73 -0.32
CA ALA A 15 -18.07 1.66 0.62
C ALA A 15 -18.04 0.28 1.24
N ASN A 16 -18.51 0.16 2.49
CA ASN A 16 -18.48 -1.11 3.21
C ASN A 16 -19.89 -1.59 3.48
N ASP A 17 -20.03 -2.91 3.64
CA ASP A 17 -21.27 -3.50 4.17
C ASP A 17 -20.87 -4.59 5.18
N ALA A 18 -21.86 -5.33 5.70
CA ALA A 18 -21.55 -6.32 6.73
C ALA A 18 -20.63 -7.44 6.21
N SER A 19 -20.54 -7.63 4.90
CA SER A 19 -19.71 -8.70 4.36
C SER A 19 -18.22 -8.51 4.65
N ILE A 20 -17.78 -7.33 5.07
CA ILE A 20 -16.35 -7.17 5.34
C ILE A 20 -15.90 -7.96 6.55
N GLY A 21 -16.83 -8.45 7.37
CA GLY A 21 -16.48 -9.29 8.50
C GLY A 21 -16.27 -10.76 8.18
N ARG A 22 -16.55 -11.19 6.94
CA ARG A 22 -16.38 -12.59 6.58
C ARG A 22 -14.91 -12.99 6.66
N GLN A 23 -14.65 -14.17 7.22
CA GLN A 23 -13.27 -14.63 7.37
C GLN A 23 -12.69 -15.08 6.04
N VAL A 24 -11.44 -14.66 5.79
CA VAL A 24 -10.68 -15.03 4.58
C VAL A 24 -9.31 -15.55 5.00
N PRO A 25 -8.67 -16.38 4.20
CA PRO A 25 -7.36 -16.94 4.62
C PRO A 25 -6.27 -15.89 4.69
N THR A 26 -5.37 -16.08 5.67
CA THR A 26 -4.20 -15.21 5.81
C THR A 26 -3.02 -15.66 4.96
N GLY A 27 -3.00 -16.91 4.49
CA GLY A 27 -1.83 -17.45 3.85
C GLY A 27 -0.88 -18.16 4.79
N ARG A 28 -1.06 -18.03 6.10
CA ARG A 28 -0.24 -18.74 7.08
C ARG A 28 -1.05 -19.72 7.92
N GLY A 29 -2.31 -19.96 7.55
CA GLY A 29 -3.08 -20.99 8.24
C GLY A 29 -4.40 -20.51 8.79
N GLY A 30 -4.41 -19.37 9.45
CA GLY A 30 -5.61 -18.83 10.06
C GLY A 30 -6.41 -17.97 9.10
N THR A 31 -7.33 -17.19 9.66
CA THR A 31 -8.16 -16.28 8.88
C THR A 31 -8.16 -14.91 9.53
N LYS A 32 -8.57 -13.90 8.75
CA LYS A 32 -8.84 -12.57 9.27
C LYS A 32 -10.03 -12.01 8.48
N ASN A 33 -10.50 -10.84 8.91
CA ASN A 33 -11.64 -10.24 8.23
C ASN A 33 -11.31 -9.91 6.78
N CYS A 34 -12.31 -10.10 5.92
CA CYS A 34 -12.22 -9.77 4.50
C CYS A 34 -11.60 -8.40 4.27
N GLN A 35 -12.05 -7.39 5.02
CA GLN A 35 -11.58 -6.03 4.86
C GLN A 35 -11.69 -5.34 6.20
N ALA A 36 -10.76 -4.42 6.46
CA ALA A 36 -10.96 -3.43 7.52
C ALA A 36 -11.62 -2.21 6.91
N SER A 37 -12.40 -1.48 7.72
CA SER A 37 -13.05 -0.27 7.21
C SER A 37 -12.04 0.79 6.83
N GLY A 38 -10.93 0.87 7.55
CA GLY A 38 -9.99 1.95 7.35
C GLY A 38 -10.23 3.09 8.31
N THR A 39 -9.27 4.02 8.35
CA THR A 39 -9.30 5.12 9.31
C THR A 39 -9.67 6.43 8.61
N SER A 40 -9.41 7.55 9.27
CA SER A 40 -9.78 8.84 8.73
C SER A 40 -8.99 9.91 9.46
N THR A 41 -8.90 11.08 8.84
CA THR A 41 -8.31 12.22 9.55
C THR A 41 -9.33 12.79 10.53
N ASN A 42 -8.84 13.66 11.43
CA ASN A 42 -9.76 14.30 12.38
C ASN A 42 -10.86 15.08 11.68
N SER A 43 -10.59 15.61 10.48
CA SER A 43 -11.62 16.34 9.75
C SER A 43 -12.59 15.41 9.03
N GLY A 44 -12.35 14.11 9.02
CA GLY A 44 -13.26 13.17 8.40
C GLY A 44 -12.84 12.66 7.03
N TYR A 45 -11.70 13.07 6.52
CA TYR A 45 -11.22 12.60 5.22
C TYR A 45 -10.86 11.13 5.35
N PRO A 46 -11.53 10.23 4.64
CA PRO A 46 -11.33 8.79 4.87
C PRO A 46 -10.10 8.23 4.19
N GLU A 47 -9.50 7.25 4.86
CA GLU A 47 -8.38 6.49 4.31
C GLU A 47 -8.68 5.98 2.89
N HIS A 48 -9.87 5.39 2.69
CA HIS A 48 -10.15 4.79 1.40
C HIS A 48 -10.12 5.84 0.29
N THR A 49 -10.48 7.09 0.58
CA THR A 49 -10.42 8.11 -0.46
C THR A 49 -8.98 8.60 -0.65
N PHE A 50 -8.24 8.74 0.45
CA PHE A 50 -6.83 9.10 0.34
C PHE A 50 -6.08 8.10 -0.53
N THR A 51 -6.29 6.81 -0.29
CA THR A 51 -5.52 5.81 -1.04
C THR A 51 -5.98 5.78 -2.49
N TRP A 52 -7.29 5.94 -2.74
CA TRP A 52 -7.80 6.02 -4.11
C TRP A 52 -7.20 7.20 -4.86
N GLU A 53 -7.28 8.39 -4.28
CA GLU A 53 -6.82 9.59 -4.99
C GLU A 53 -5.31 9.55 -5.19
N THR A 54 -4.56 9.11 -4.20
CA THR A 54 -3.13 8.96 -4.37
C THR A 54 -2.82 7.88 -5.39
N GLY A 55 -3.58 6.77 -5.35
CA GLY A 55 -3.36 5.69 -6.30
C GLY A 55 -3.57 6.12 -7.74
N LEU A 56 -4.56 6.99 -7.98
CA LEU A 56 -4.78 7.49 -9.34
C LEU A 56 -3.60 8.35 -9.80
N ARG A 57 -3.01 9.13 -8.88
CA ARG A 57 -1.82 9.90 -9.26
C ARG A 57 -0.63 8.98 -9.53
N LEU A 58 -0.47 7.92 -8.73
CA LEU A 58 0.57 6.94 -9.02
C LEU A 58 0.35 6.28 -10.37
N ARG A 59 -0.90 5.91 -10.68
CA ARG A 59 -1.20 5.35 -11.99
C ARG A 59 -0.80 6.31 -13.10
N ALA A 60 -1.17 7.59 -12.98
CA ALA A 60 -0.81 8.54 -14.02
C ALA A 60 0.70 8.64 -14.20
N ALA A 61 1.44 8.61 -13.09
CA ALA A 61 2.90 8.70 -13.17
C ALA A 61 3.50 7.49 -13.85
N LEU A 62 3.07 6.28 -13.46
CA LEU A 62 3.57 5.07 -14.10
C LEU A 62 3.21 5.05 -15.58
N ASN A 63 1.99 5.43 -15.93
CA ASN A 63 1.59 5.44 -17.33
C ASN A 63 2.47 6.41 -18.12
N ALA A 64 2.82 7.55 -17.52
CA ALA A 64 3.70 8.50 -18.20
C ALA A 64 5.04 7.86 -18.56
N LEU A 65 5.48 6.88 -17.77
CA LEU A 65 6.70 6.12 -18.04
C LEU A 65 6.50 4.97 -19.02
N GLY A 66 5.28 4.74 -19.50
CA GLY A 66 5.02 3.60 -20.34
C GLY A 66 4.78 2.31 -19.59
N VAL A 67 4.63 2.38 -18.27
CA VAL A 67 4.38 1.20 -17.45
C VAL A 67 2.88 0.95 -17.43
N ARG A 68 2.48 -0.25 -17.85
CA ARG A 68 1.08 -0.66 -17.78
C ARG A 68 0.70 -0.88 -16.32
N THR A 69 -0.53 -0.51 -15.98
CA THR A 69 -1.00 -0.63 -14.59
C THR A 69 -2.32 -1.37 -14.56
N ALA A 70 -2.62 -1.92 -13.39
CA ALA A 70 -3.93 -2.45 -13.05
C ALA A 70 -4.26 -1.98 -11.65
N LEU A 71 -5.54 -1.78 -11.37
CA LEU A 71 -6.03 -1.38 -10.06
C LEU A 71 -6.81 -2.51 -9.42
N SER A 72 -6.72 -2.59 -8.08
CA SER A 72 -7.44 -3.63 -7.36
C SER A 72 -8.93 -3.35 -7.31
N ARG A 73 -9.34 -2.10 -7.52
CA ARG A 73 -10.74 -1.70 -7.51
C ARG A 73 -10.89 -0.56 -8.51
N GLY A 74 -12.12 -0.37 -9.00
CA GLY A 74 -12.35 0.58 -10.07
C GLY A 74 -13.10 1.83 -9.67
N ASN A 75 -13.35 2.05 -8.39
CA ASN A 75 -14.13 3.19 -7.94
C ASN A 75 -13.83 3.41 -6.47
N ASP A 76 -14.31 4.52 -5.96
CA ASP A 76 -14.22 4.87 -4.55
C ASP A 76 -15.61 5.12 -3.97
N ASN A 77 -16.60 4.37 -4.42
CA ASN A 77 -17.94 4.59 -3.89
C ASN A 77 -18.77 3.32 -3.74
N ALA A 78 -18.17 2.13 -3.86
CA ALA A 78 -18.89 0.88 -3.77
C ALA A 78 -18.01 -0.18 -3.13
N LEU A 79 -18.63 -1.29 -2.78
CA LEU A 79 -17.89 -2.39 -2.19
C LEU A 79 -16.80 -2.86 -3.16
N GLY A 80 -15.61 -3.14 -2.62
CA GLY A 80 -14.51 -3.67 -3.40
C GLY A 80 -14.16 -5.09 -2.97
N PRO A 81 -13.10 -5.66 -3.54
CA PRO A 81 -12.75 -7.04 -3.21
C PRO A 81 -12.10 -7.14 -1.84
N CYS A 82 -12.24 -8.31 -1.23
CA CYS A 82 -11.55 -8.62 0.02
C CYS A 82 -10.04 -8.73 -0.20
N VAL A 83 -9.30 -8.77 0.91
N VAL A 83 -9.30 -8.70 0.90
CA VAL A 83 -7.83 -8.74 0.85
CA VAL A 83 -7.84 -8.73 0.78
C VAL A 83 -7.25 -10.00 0.19
C VAL A 83 -7.39 -9.96 -0.01
N ASP A 84 -7.90 -11.15 0.37
CA ASP A 84 -7.44 -12.36 -0.30
C ASP A 84 -7.68 -12.30 -1.80
N GLU A 85 -8.86 -11.84 -2.22
CA GLU A 85 -9.13 -11.66 -3.65
C GLU A 85 -8.17 -10.69 -4.29
N ARG A 86 -7.88 -9.57 -3.63
CA ARG A 86 -6.94 -8.62 -4.23
C ARG A 86 -5.59 -9.27 -4.48
N ALA A 87 -5.10 -10.08 -3.54
CA ALA A 87 -3.85 -10.79 -3.75
C ALA A 87 -3.95 -11.83 -4.87
N ASN A 88 -5.03 -12.61 -4.91
CA ASN A 88 -5.17 -13.59 -5.98
C ASN A 88 -5.26 -12.90 -7.35
N MET A 89 -5.99 -11.77 -7.42
N MET A 89 -5.97 -11.76 -7.43
CA MET A 89 -6.04 -10.98 -8.66
CA MET A 89 -6.04 -11.00 -8.67
C MET A 89 -4.65 -10.56 -9.10
C MET A 89 -4.66 -10.52 -9.11
N ALA A 90 -3.88 -10.00 -8.17
CA ALA A 90 -2.53 -9.56 -8.51
C ALA A 90 -1.70 -10.72 -9.03
N ASN A 91 -1.75 -11.87 -8.34
CA ASN A 91 -0.97 -13.01 -8.81
C ASN A 91 -1.39 -13.44 -10.20
N ALA A 92 -2.70 -13.36 -10.52
CA ALA A 92 -3.14 -13.78 -11.85
C ALA A 92 -2.55 -12.91 -12.94
N LEU A 93 -2.28 -11.63 -12.65
CA LEU A 93 -1.67 -10.71 -13.60
C LEU A 93 -0.19 -10.95 -13.82
N ARG A 94 0.48 -11.63 -12.89
CA ARG A 94 1.92 -11.89 -12.97
C ARG A 94 2.69 -10.57 -13.15
N PRO A 95 2.43 -9.57 -12.34
CA PRO A 95 3.04 -8.26 -12.55
C PRO A 95 4.50 -8.25 -12.13
N ASN A 96 5.21 -7.23 -12.60
CA ASN A 96 6.58 -7.01 -12.18
C ASN A 96 6.65 -6.44 -10.76
N ALA A 97 5.60 -5.78 -10.30
CA ALA A 97 5.57 -5.26 -8.94
C ALA A 97 4.12 -5.05 -8.53
N ILE A 98 3.89 -5.19 -7.23
CA ILE A 98 2.59 -4.96 -6.60
C ILE A 98 2.83 -3.94 -5.49
N VAL A 99 2.02 -2.88 -5.45
N VAL A 99 2.02 -2.88 -5.45
CA VAL A 99 2.13 -1.88 -4.39
CA VAL A 99 2.12 -1.88 -4.39
C VAL A 99 0.76 -1.57 -3.83
C VAL A 99 0.74 -1.61 -3.84
N SER A 100 0.59 -1.77 -2.52
CA SER A 100 -0.65 -1.44 -1.82
C SER A 100 -0.42 -0.15 -1.04
N LEU A 101 -1.43 0.73 -1.06
CA LEU A 101 -1.36 2.04 -0.43
C LEU A 101 -2.35 2.11 0.72
N HIS A 102 -1.87 2.54 1.88
CA HIS A 102 -2.66 2.66 3.09
C HIS A 102 -2.24 3.91 3.85
N ALA A 103 -3.04 4.24 4.86
CA ALA A 103 -2.62 5.22 5.86
C ALA A 103 -3.06 4.73 7.22
N ASP A 104 -2.35 5.17 8.24
CA ASP A 104 -2.46 4.57 9.56
C ASP A 104 -3.29 5.43 10.48
N GLY A 105 -3.86 4.79 11.50
CA GLY A 105 -4.49 5.52 12.58
C GLY A 105 -3.78 5.29 13.88
N GLY A 106 -2.80 6.14 14.20
CA GLY A 106 -2.00 6.00 15.40
C GLY A 106 -2.09 7.22 16.31
N PRO A 107 -1.23 7.29 17.33
CA PRO A 107 -1.28 8.42 18.25
C PRO A 107 -0.86 9.71 17.55
N ALA A 108 -1.43 10.83 18.01
CA ALA A 108 -1.37 12.08 17.25
C ALA A 108 0.06 12.57 17.02
N SER A 109 0.97 12.32 17.97
N SER A 109 0.96 12.34 17.98
CA SER A 109 2.34 12.81 17.83
CA SER A 109 2.33 12.81 17.81
C SER A 109 3.19 11.93 16.92
C SER A 109 3.07 12.00 16.75
N GLY A 110 2.77 10.71 16.64
CA GLY A 110 3.49 9.85 15.71
C GLY A 110 3.18 10.26 14.28
N ARG A 111 4.22 10.28 13.45
CA ARG A 111 4.03 10.64 12.05
C ARG A 111 5.06 9.94 11.20
N GLY A 112 4.81 9.95 9.90
CA GLY A 112 5.74 9.40 8.93
C GLY A 112 5.24 8.07 8.38
N PHE A 113 6.06 7.51 7.49
CA PHE A 113 5.68 6.34 6.68
C PHE A 113 6.35 5.07 7.20
N HIS A 114 5.74 3.93 6.87
CA HIS A 114 6.46 2.68 7.00
C HIS A 114 6.08 1.75 5.86
N VAL A 115 7.08 1.03 5.35
CA VAL A 115 6.92 0.09 4.24
C VAL A 115 6.89 -1.32 4.80
N ASN A 116 5.79 -2.01 4.57
CA ASN A 116 5.55 -3.35 5.09
C ASN A 116 5.87 -4.40 4.04
N TYR A 117 6.49 -5.49 4.48
CA TYR A 117 6.82 -6.58 3.59
C TYR A 117 6.65 -7.89 4.36
N SER A 118 6.40 -8.97 3.62
CA SER A 118 6.18 -10.29 4.22
C SER A 118 7.47 -10.84 4.82
N ALA A 119 7.41 -11.18 6.11
CA ALA A 119 8.53 -11.83 6.77
C ALA A 119 7.97 -12.59 7.95
N PRO A 120 8.42 -13.82 8.22
CA PRO A 120 9.36 -14.60 7.40
C PRO A 120 8.78 -14.87 6.02
N PRO A 121 9.64 -14.99 5.02
CA PRO A 121 9.15 -15.16 3.65
C PRO A 121 8.55 -16.55 3.43
N LEU A 122 7.54 -16.59 2.57
CA LEU A 122 6.87 -17.83 2.21
C LEU A 122 7.27 -18.34 0.83
N ASN A 123 8.07 -17.59 0.09
CA ASN A 123 8.61 -18.04 -1.17
C ASN A 123 9.83 -17.20 -1.49
N ALA A 124 10.53 -17.59 -2.56
CA ALA A 124 11.80 -16.92 -2.88
C ALA A 124 11.61 -15.45 -3.27
N ILE A 125 10.49 -15.12 -3.91
CA ILE A 125 10.24 -13.73 -4.25
C ILE A 125 10.10 -12.88 -2.98
N GLN A 126 9.35 -13.39 -2.00
CA GLN A 126 9.22 -12.69 -0.73
C GLN A 126 10.56 -12.58 -0.01
N ALA A 127 11.43 -13.58 -0.17
CA ALA A 127 12.69 -13.58 0.58
C ALA A 127 13.71 -12.60 0.01
N GLY A 128 13.63 -12.29 -1.29
CA GLY A 128 14.66 -11.53 -1.94
C GLY A 128 14.12 -10.26 -2.56
N PRO A 129 13.58 -10.37 -3.78
CA PRO A 129 13.09 -9.19 -4.49
C PRO A 129 12.17 -8.29 -3.67
N SER A 130 11.22 -8.85 -2.92
CA SER A 130 10.30 -7.95 -2.20
C SER A 130 10.99 -7.18 -1.09
N VAL A 131 11.98 -7.79 -0.44
CA VAL A 131 12.76 -7.05 0.55
C VAL A 131 13.53 -5.92 -0.11
N GLN A 132 14.11 -6.18 -1.29
CA GLN A 132 14.82 -5.14 -2.01
C GLN A 132 13.89 -4.01 -2.44
N PHE A 133 12.69 -4.38 -2.91
CA PHE A 133 11.67 -3.39 -3.27
C PHE A 133 11.31 -2.53 -2.06
N ALA A 134 11.10 -3.16 -0.90
CA ALA A 134 10.76 -2.40 0.29
C ALA A 134 11.85 -1.40 0.66
N ARG A 135 13.12 -1.84 0.58
CA ARG A 135 14.23 -0.95 0.94
C ARG A 135 14.33 0.22 -0.03
N ILE A 136 14.22 -0.05 -1.34
CA ILE A 136 14.24 1.02 -2.32
C ILE A 136 13.11 2.02 -2.05
N MET A 137 11.89 1.52 -1.79
CA MET A 137 10.76 2.40 -1.54
C MET A 137 10.98 3.25 -0.31
N ARG A 138 11.51 2.66 0.76
CA ARG A 138 11.80 3.42 1.97
C ARG A 138 12.75 4.57 1.67
N ASP A 139 13.81 4.29 0.91
CA ASP A 139 14.75 5.35 0.54
C ASP A 139 14.07 6.44 -0.28
N GLN A 140 13.14 6.07 -1.15
CA GLN A 140 12.47 7.05 -2.01
C GLN A 140 11.51 7.94 -1.23
N LEU A 141 10.74 7.36 -0.31
CA LEU A 141 9.86 8.19 0.49
C LEU A 141 10.68 9.17 1.32
N GLN A 142 11.79 8.70 1.91
CA GLN A 142 12.69 9.59 2.64
C GLN A 142 13.21 10.70 1.75
N ALA A 143 13.52 10.37 0.49
CA ALA A 143 14.04 11.38 -0.43
C ALA A 143 12.99 12.43 -0.80
N SER A 144 11.71 12.07 -0.82
CA SER A 144 10.64 13.05 -1.02
C SER A 144 10.38 13.86 0.20
N GLY A 145 11.18 13.70 1.25
CA GLY A 145 10.95 14.45 2.47
C GLY A 145 9.80 13.98 3.30
N ILE A 146 9.36 12.74 3.12
CA ILE A 146 8.37 12.13 4.01
C ILE A 146 9.15 11.50 5.16
N PRO A 147 8.90 11.89 6.41
CA PRO A 147 9.69 11.32 7.51
C PRO A 147 9.39 9.84 7.69
N LYS A 148 10.43 9.08 8.02
CA LYS A 148 10.22 7.71 8.44
C LYS A 148 9.39 7.70 9.71
N ALA A 149 8.47 6.75 9.83
CA ALA A 149 7.62 6.72 11.02
C ALA A 149 8.46 6.67 12.28
N ASN A 150 8.05 7.45 13.27
CA ASN A 150 8.74 7.53 14.56
C ASN A 150 7.98 6.80 15.66
N TYR A 151 7.01 5.97 15.30
CA TYR A 151 6.16 5.28 16.25
C TYR A 151 5.90 3.82 15.89
N ILE A 152 6.38 3.35 14.74
CA ILE A 152 6.09 1.98 14.30
C ILE A 152 7.13 1.60 13.25
N GLY A 153 7.38 0.29 13.14
CA GLY A 153 8.43 -0.21 12.26
C GLY A 153 9.83 0.16 12.75
N GLN A 154 10.82 -0.11 11.89
CA GLN A 154 12.22 0.20 12.16
C GLN A 154 12.79 0.95 10.97
N ASP A 155 13.13 2.23 11.16
CA ASP A 155 13.71 3.06 10.11
C ASP A 155 12.89 2.99 8.82
N GLY A 156 11.57 3.01 8.98
CA GLY A 156 10.69 3.06 7.84
C GLY A 156 10.35 1.72 7.23
N LEU A 157 10.78 0.61 7.82
CA LEU A 157 10.51 -0.73 7.35
C LEU A 157 9.79 -1.54 8.41
N TYR A 158 8.95 -2.49 7.97
CA TYR A 158 8.25 -3.37 8.91
C TYR A 158 8.06 -4.72 8.22
N GLY A 159 8.94 -5.67 8.51
CA GLY A 159 8.76 -7.04 8.05
C GLY A 159 7.80 -7.73 8.99
N ARG A 160 6.78 -8.38 8.43
CA ARG A 160 5.71 -8.87 9.30
C ARG A 160 4.99 -10.05 8.65
N SER A 161 4.28 -10.81 9.49
CA SER A 161 3.64 -12.06 9.09
C SER A 161 2.11 -11.97 9.03
N ASP A 162 1.51 -10.85 9.44
CA ASP A 162 0.08 -10.80 9.71
C ASP A 162 -0.78 -10.18 8.60
N LEU A 163 -0.19 -9.75 7.47
CA LEU A 163 -0.98 -9.13 6.41
C LEU A 163 -1.21 -10.15 5.29
N ALA A 164 -2.47 -10.48 5.04
CA ALA A 164 -2.82 -11.54 4.11
C ALA A 164 -2.34 -11.25 2.71
N GLY A 165 -2.48 -10.00 2.26
CA GLY A 165 -2.08 -9.65 0.90
C GLY A 165 -0.60 -9.82 0.67
N LEU A 166 0.22 -9.51 1.68
CA LEU A 166 1.66 -9.75 1.57
C LEU A 166 1.95 -11.24 1.62
N ASN A 167 1.29 -11.97 2.52
CA ASN A 167 1.56 -13.40 2.65
C ASN A 167 1.25 -14.16 1.37
N LEU A 168 0.17 -13.76 0.69
CA LEU A 168 -0.30 -14.49 -0.47
C LEU A 168 0.42 -14.13 -1.77
N ALA A 169 1.28 -13.12 -1.78
CA ALA A 169 1.88 -12.66 -3.03
C ALA A 169 2.92 -13.64 -3.57
N GLN A 170 2.87 -13.88 -4.89
CA GLN A 170 3.87 -14.67 -5.58
C GLN A 170 4.80 -13.81 -6.42
N TYR A 171 4.57 -12.50 -6.46
CA TYR A 171 5.33 -11.54 -7.24
C TYR A 171 5.74 -10.42 -6.29
N PRO A 172 6.73 -9.60 -6.66
CA PRO A 172 7.25 -8.61 -5.70
C PRO A 172 6.13 -7.70 -5.19
N SER A 173 6.04 -7.56 -3.87
CA SER A 173 4.88 -6.90 -3.28
C SER A 173 5.25 -6.22 -1.98
N ILE A 174 4.76 -4.99 -1.80
CA ILE A 174 4.93 -4.23 -0.56
C ILE A 174 3.64 -3.48 -0.27
N LEU A 175 3.46 -3.12 1.00
CA LEU A 175 2.32 -2.32 1.43
C LEU A 175 2.84 -1.09 2.14
N VAL A 176 2.55 0.08 1.60
CA VAL A 176 3.09 1.33 2.10
C VAL A 176 2.05 2.04 2.96
N GLU A 177 2.33 2.18 4.24
CA GLU A 177 1.58 3.07 5.13
C GLU A 177 2.20 4.46 5.01
N LEU A 178 1.50 5.36 4.33
CA LEU A 178 2.13 6.61 3.92
C LEU A 178 2.26 7.62 5.06
N GLY A 179 1.46 7.49 6.09
CA GLY A 179 1.53 8.39 7.24
C GLY A 179 0.43 8.05 8.20
N ASN A 180 0.34 8.87 9.26
CA ASN A 180 -0.66 8.72 10.31
C ASN A 180 -1.75 9.75 10.09
N MET A 181 -2.97 9.30 9.78
CA MET A 181 -4.05 10.22 9.47
C MET A 181 -4.44 11.07 10.66
N LYS A 182 -4.08 10.64 11.87
CA LYS A 182 -4.39 11.36 13.10
C LYS A 182 -3.34 12.42 13.45
N ASN A 183 -2.28 12.50 12.67
CA ASN A 183 -1.21 13.48 12.92
C ASN A 183 -1.47 14.77 12.14
N PRO A 184 -1.29 15.95 12.74
CA PRO A 184 -1.59 17.18 11.99
C PRO A 184 -0.80 17.34 10.71
N ALA A 185 0.51 17.06 10.75
CA ALA A 185 1.34 17.26 9.57
C ALA A 185 1.01 16.25 8.48
N ASP A 186 0.91 14.96 8.84
CA ASP A 186 0.59 13.96 7.83
C ASP A 186 -0.78 14.21 7.22
N SER A 187 -1.78 14.53 8.04
CA SER A 187 -3.13 14.74 7.52
C SER A 187 -3.18 15.96 6.60
N ALA A 188 -2.40 17.01 6.88
CA ALA A 188 -2.35 18.16 5.98
C ALA A 188 -1.85 17.75 4.60
N LEU A 189 -0.84 16.87 4.55
CA LEU A 189 -0.40 16.34 3.27
C LEU A 189 -1.49 15.53 2.61
N MET A 190 -2.09 14.62 3.37
CA MET A 190 -3.07 13.71 2.77
C MET A 190 -4.28 14.44 2.20
N GLU A 191 -4.71 15.52 2.86
CA GLU A 191 -5.91 16.27 2.51
C GLU A 191 -5.66 17.27 1.39
N SER A 192 -4.44 17.39 0.88
CA SER A 192 -4.14 18.34 -0.18
C SER A 192 -3.78 17.60 -1.46
N ALA A 193 -4.26 18.12 -2.59
CA ALA A 193 -3.90 17.53 -3.88
C ALA A 193 -2.39 17.55 -4.08
N GLU A 194 -1.73 18.63 -3.62
CA GLU A 194 -0.28 18.72 -3.77
C GLU A 194 0.42 17.67 -2.91
N GLY A 195 -0.07 17.44 -1.69
CA GLY A 195 0.52 16.40 -0.86
C GLY A 195 0.34 15.01 -1.45
N ARG A 196 -0.87 14.72 -1.97
CA ARG A 196 -1.07 13.43 -2.59
C ARG A 196 -0.18 13.26 -3.81
N GLN A 197 0.05 14.33 -4.57
CA GLN A 197 0.97 14.23 -5.69
C GLN A 197 2.39 13.95 -5.22
N LYS A 198 2.81 14.58 -4.12
CA LYS A 198 4.15 14.32 -3.60
C LYS A 198 4.30 12.88 -3.15
N TYR A 199 3.27 12.31 -2.51
CA TYR A 199 3.32 10.88 -2.20
C TYR A 199 3.45 10.05 -3.47
N ALA A 200 2.66 10.37 -4.50
CA ALA A 200 2.72 9.62 -5.75
C ALA A 200 4.07 9.76 -6.43
N ASN A 201 4.71 10.92 -6.31
CA ASN A 201 6.04 11.07 -6.90
C ASN A 201 7.04 10.15 -6.22
N ALA A 202 7.02 10.09 -4.89
CA ALA A 202 7.90 9.15 -4.19
C ALA A 202 7.60 7.73 -4.59
N LEU A 203 6.31 7.38 -4.67
CA LEU A 203 5.93 6.01 -4.97
C LEU A 203 6.41 5.60 -6.36
N VAL A 204 6.24 6.46 -7.35
CA VAL A 204 6.66 6.08 -8.70
C VAL A 204 8.17 5.90 -8.79
N ARG A 205 8.93 6.74 -8.07
CA ARG A 205 10.38 6.60 -8.07
C ARG A 205 10.81 5.31 -7.40
N GLY A 206 10.11 4.90 -6.35
CA GLY A 206 10.41 3.61 -5.73
C GLY A 206 10.07 2.46 -6.66
N VAL A 207 8.90 2.51 -7.30
CA VAL A 207 8.53 1.45 -8.23
C VAL A 207 9.51 1.39 -9.38
N ALA A 208 9.81 2.55 -10.00
CA ALA A 208 10.73 2.55 -11.14
C ALA A 208 12.12 2.11 -10.73
N GLY A 209 12.58 2.56 -9.56
CA GLY A 209 13.90 2.14 -9.09
C GLY A 209 13.98 0.62 -8.94
N PHE A 210 12.94 0.02 -8.36
CA PHE A 210 12.95 -1.44 -8.23
C PHE A 210 12.89 -2.11 -9.59
N LEU A 211 11.97 -1.68 -10.46
CA LEU A 211 11.84 -2.30 -11.77
C LEU A 211 13.14 -2.23 -12.56
N ALA A 212 13.90 -1.15 -12.38
CA ALA A 212 15.13 -0.97 -13.14
C ALA A 212 16.25 -1.88 -12.67
N THR A 213 16.13 -2.50 -11.50
CA THR A 213 17.11 -3.46 -11.01
C THR A 213 16.81 -4.89 -11.44
N GLN A 214 15.61 -5.13 -11.99
CA GLN A 214 15.16 -6.47 -12.29
C GLN A 214 15.34 -6.78 -13.77
#